data_1FGU
#
_entry.id   1FGU
#
_cell.length_a   63.500
_cell.length_b   84.860
_cell.length_c   119.110
_cell.angle_alpha   90.00
_cell.angle_beta   90.00
_cell.angle_gamma   90.00
#
_symmetry.space_group_name_H-M   'P 21 21 21'
#
loop_
_entity.id
_entity.type
_entity.pdbx_description
1 polymer 'REPLICATION PROTEIN A 70 KDA DNA-BINDING SUBUNIT'
2 water water
#
_entity_poly.entity_id   1
_entity_poly.type   'polypeptide(L)'
_entity_poly.pdbx_seq_one_letter_code
;MSKVVPIASLTPYQSKWTICARVTNKSQIRTWSNSRGEGKLFSLELVDESGEIRATAFNEQVDKFFPLIEVNKVYYFSKG
TLKIANKQFTAVKNDYEMTFNNETSVMPCEDDHHLPTVQFDFTGIDDLENKSKDSLVDIIGICKSYEDATKITVRSNNRE
VAKRNIYLMDTSGKVVTATLWGEDADKFDGSRQPVLAIKGARVSDFGGRSLSVLSSSTIIANPDIPEAYKLRGWFDAEGQ
ALDGVSISDLKS
;
_entity_poly.pdbx_strand_id   A,B
#
# COMPACT_ATOMS: atom_id res chain seq x y z
N MET A 1 -19.36 -12.07 2.76
CA MET A 1 -20.02 -10.85 3.34
C MET A 1 -19.24 -9.55 3.15
N SER A 2 -18.07 -9.62 2.52
CA SER A 2 -17.31 -8.40 2.28
C SER A 2 -17.53 -7.81 0.86
N LYS A 3 -18.80 -7.44 0.69
CA LYS A 3 -19.35 -6.79 -0.46
C LYS A 3 -19.48 -5.38 0.19
N VAL A 4 -18.61 -5.10 1.17
CA VAL A 4 -18.64 -3.81 1.88
C VAL A 4 -18.03 -2.83 0.94
N VAL A 5 -18.44 -1.58 1.06
CA VAL A 5 -17.92 -0.56 0.17
C VAL A 5 -17.57 0.67 1.03
N PRO A 6 -16.76 1.60 0.50
CA PRO A 6 -16.45 2.72 1.40
C PRO A 6 -17.53 3.74 1.69
N ILE A 7 -17.58 4.20 2.94
CA ILE A 7 -18.55 5.21 3.31
C ILE A 7 -18.54 6.38 2.31
N ALA A 8 -17.36 6.81 1.88
CA ALA A 8 -17.27 7.96 0.98
C ALA A 8 -17.74 7.69 -0.43
N SER A 9 -18.23 6.48 -0.69
CA SER A 9 -18.69 6.16 -2.03
C SER A 9 -20.23 6.01 -2.07
N LEU A 10 -20.86 6.10 -0.90
CA LEU A 10 -22.31 6.07 -0.82
C LEU A 10 -22.95 7.31 -1.46
N THR A 11 -23.79 7.15 -2.49
CA THR A 11 -24.51 8.31 -3.05
C THR A 11 -25.95 7.92 -3.02
N PRO A 12 -26.85 8.91 -2.95
CA PRO A 12 -28.26 8.49 -2.93
C PRO A 12 -28.75 7.82 -4.19
N TYR A 13 -29.55 6.77 -3.96
CA TYR A 13 -30.17 5.97 -4.99
C TYR A 13 -29.22 4.95 -5.57
N GLN A 14 -28.22 4.61 -4.76
CA GLN A 14 -27.17 3.67 -5.09
C GLN A 14 -27.81 2.31 -5.02
N SER A 15 -27.48 1.47 -5.99
CA SER A 15 -28.00 0.12 -6.11
C SER A 15 -28.27 -0.58 -4.78
N LYS A 16 -27.24 -0.70 -3.97
CA LYS A 16 -27.35 -1.31 -2.66
C LYS A 16 -25.95 -1.24 -2.11
N TRP A 17 -25.86 -1.24 -0.80
CA TRP A 17 -24.55 -1.14 -0.25
C TRP A 17 -24.53 -1.78 1.12
N THR A 18 -23.34 -2.00 1.62
CA THR A 18 -23.19 -2.58 2.93
C THR A 18 -21.84 -1.95 3.29
N ILE A 19 -21.78 -1.33 4.48
CA ILE A 19 -20.51 -0.71 4.93
C ILE A 19 -19.97 -1.32 6.20
N CYS A 20 -18.67 -1.09 6.43
CA CYS A 20 -18.04 -1.62 7.63
C CYS A 20 -17.61 -0.47 8.48
N ALA A 21 -18.32 -0.18 9.58
CA ALA A 21 -17.91 0.98 10.38
C ALA A 21 -17.97 0.96 11.88
N ARG A 22 -17.11 1.78 12.45
CA ARG A 22 -16.99 1.94 13.87
C ARG A 22 -17.93 3.05 14.28
N VAL A 23 -18.68 2.86 15.36
CA VAL A 23 -19.60 3.86 15.82
C VAL A 23 -18.78 4.73 16.75
N THR A 24 -18.48 5.97 16.43
CA THR A 24 -17.67 6.77 17.35
C THR A 24 -18.50 7.52 18.34
N ASN A 25 -19.75 7.79 17.99
CA ASN A 25 -20.66 8.55 18.85
C ASN A 25 -22.10 8.09 18.72
N LYS A 26 -22.86 8.18 19.79
CA LYS A 26 -24.26 7.77 19.71
C LYS A 26 -25.04 8.63 20.67
N SER A 27 -26.16 9.17 20.22
CA SER A 27 -26.99 10.01 21.09
C SER A 27 -27.95 9.21 21.93
N GLN A 28 -28.73 9.91 22.72
CA GLN A 28 -29.71 9.28 23.54
C GLN A 28 -30.92 9.39 22.69
N ILE A 29 -31.97 8.63 23.01
CA ILE A 29 -33.19 8.70 22.23
C ILE A 29 -33.83 10.09 22.35
N ARG A 30 -34.26 10.62 21.22
CA ARG A 30 -34.89 11.91 21.14
C ARG A 30 -36.38 11.75 20.94
N THR A 31 -37.16 12.54 21.68
CA THR A 31 -38.59 12.36 21.57
C THR A 31 -39.30 13.62 21.18
N TRP A 32 -40.35 13.44 20.40
CA TRP A 32 -41.10 14.58 19.95
C TRP A 32 -42.55 14.22 19.73
N SER A 33 -43.41 15.23 19.79
CA SER A 33 -44.83 15.04 19.50
C SER A 33 -45.28 16.19 18.62
N ASN A 34 -46.23 15.92 17.71
CA ASN A 34 -46.83 16.94 16.82
C ASN A 34 -48.29 16.55 16.59
N SER A 35 -49.02 17.32 15.79
CA SER A 35 -50.44 17.02 15.52
C SER A 35 -50.70 15.55 15.25
N ARG A 36 -49.72 14.90 14.60
CA ARG A 36 -49.84 13.49 14.24
C ARG A 36 -49.53 12.51 15.39
N GLY A 37 -48.86 12.98 16.44
CA GLY A 37 -48.55 12.11 17.57
C GLY A 37 -47.09 12.18 18.02
N GLU A 38 -46.64 11.15 18.75
CA GLU A 38 -45.28 11.06 19.25
C GLU A 38 -44.31 10.39 18.23
N GLY A 39 -43.02 10.53 18.47
CA GLY A 39 -42.07 9.90 17.59
C GLY A 39 -40.80 9.89 18.38
N LYS A 40 -39.80 9.16 17.94
CA LYS A 40 -38.57 9.11 18.70
C LYS A 40 -37.47 8.81 17.66
N LEU A 41 -36.21 9.04 18.02
CA LEU A 41 -35.09 8.81 17.12
C LEU A 41 -33.80 8.92 17.87
N PHE A 42 -32.74 8.48 17.24
CA PHE A 42 -31.40 8.60 17.81
C PHE A 42 -30.44 8.66 16.64
N SER A 43 -29.25 9.18 16.89
CA SER A 43 -28.31 9.28 15.79
C SER A 43 -26.91 8.71 16.08
N LEU A 44 -26.25 8.28 15.05
CA LEU A 44 -24.94 7.74 15.22
C LEU A 44 -24.06 8.42 14.21
N GLU A 45 -22.77 8.36 14.47
CA GLU A 45 -21.81 8.94 13.57
C GLU A 45 -20.92 7.78 13.30
N LEU A 46 -20.89 7.34 12.05
CA LEU A 46 -20.11 6.19 11.68
C LEU A 46 -18.83 6.59 10.96
N VAL A 47 -17.81 5.78 11.22
CA VAL A 47 -16.49 6.04 10.70
C VAL A 47 -15.79 4.84 10.10
N ASP A 48 -15.17 5.01 8.95
CA ASP A 48 -14.39 3.95 8.36
C ASP A 48 -13.15 4.59 7.80
N GLU A 49 -12.39 3.90 6.98
CA GLU A 49 -11.20 4.59 6.54
C GLU A 49 -11.41 5.75 5.60
N SER A 50 -12.41 5.65 4.70
CA SER A 50 -12.64 6.70 3.71
C SER A 50 -13.42 7.94 4.21
N GLY A 51 -14.13 7.80 5.32
CA GLY A 51 -14.88 8.95 5.77
C GLY A 51 -15.82 8.71 6.94
N GLU A 52 -16.86 9.50 6.91
CA GLU A 52 -17.73 9.47 8.00
C GLU A 52 -19.15 9.79 7.57
N ILE A 53 -20.13 9.33 8.34
CA ILE A 53 -21.51 9.66 8.01
C ILE A 53 -22.35 9.57 9.26
N ARG A 54 -23.23 10.53 9.38
CA ARG A 54 -24.16 10.63 10.48
C ARG A 54 -25.41 9.79 10.07
N ALA A 55 -25.96 9.02 10.99
CA ALA A 55 -27.13 8.22 10.63
C ALA A 55 -28.20 8.35 11.72
N THR A 56 -29.44 8.21 11.30
CA THR A 56 -30.55 8.33 12.19
C THR A 56 -31.55 7.17 12.04
N ALA A 57 -32.02 6.64 13.17
CA ALA A 57 -33.03 5.56 13.17
C ALA A 57 -34.32 6.13 13.74
N PHE A 58 -35.44 6.04 13.04
CA PHE A 58 -36.70 6.56 13.60
C PHE A 58 -37.61 5.49 14.25
N ASN A 59 -38.46 5.97 15.17
CA ASN A 59 -39.47 5.14 15.86
C ASN A 59 -39.18 3.65 16.04
N GLU A 60 -39.73 2.81 15.17
CA GLU A 60 -39.50 1.40 15.31
C GLU A 60 -38.04 0.98 15.31
N GLN A 61 -37.25 1.51 14.38
CA GLN A 61 -35.84 1.15 14.33
C GLN A 61 -35.09 1.61 15.60
N VAL A 62 -35.71 2.51 16.35
CA VAL A 62 -35.09 2.98 17.58
C VAL A 62 -35.18 1.81 18.54
N ASP A 63 -36.38 1.22 18.64
CA ASP A 63 -36.64 0.08 19.52
C ASP A 63 -35.66 -1.03 19.19
N LYS A 64 -35.61 -1.39 17.91
CA LYS A 64 -34.71 -2.45 17.48
C LYS A 64 -33.23 -2.13 17.70
N PHE A 65 -32.73 -1.12 16.99
CA PHE A 65 -31.30 -0.88 17.12
C PHE A 65 -30.71 -0.16 18.27
N PHE A 66 -31.53 0.56 19.03
CA PHE A 66 -30.92 1.33 20.12
C PHE A 66 -30.13 0.49 21.06
N PRO A 67 -30.75 -0.57 21.57
CA PRO A 67 -30.08 -1.47 22.51
C PRO A 67 -28.97 -2.36 21.91
N LEU A 68 -29.08 -2.64 20.61
CA LEU A 68 -28.08 -3.48 19.91
C LEU A 68 -26.79 -2.77 19.42
N ILE A 69 -26.67 -1.45 19.61
CA ILE A 69 -25.50 -0.73 19.09
C ILE A 69 -24.72 0.07 20.13
N GLU A 70 -23.56 -0.45 20.52
CA GLU A 70 -22.74 0.20 21.53
C GLU A 70 -21.69 1.12 20.92
N VAL A 71 -21.22 2.07 21.70
CA VAL A 71 -20.30 3.05 21.17
C VAL A 71 -19.07 2.70 20.43
N ASN A 72 -17.98 2.24 21.01
CA ASN A 72 -16.88 2.07 20.06
C ASN A 72 -16.71 0.83 19.21
N LYS A 73 -17.78 0.11 18.97
CA LYS A 73 -17.66 -1.12 18.20
C LYS A 73 -17.74 -0.93 16.69
N VAL A 74 -17.52 -2.02 16.00
CA VAL A 74 -17.55 -2.03 14.57
C VAL A 74 -18.75 -2.84 14.11
N TYR A 75 -19.36 -2.40 13.01
CA TYR A 75 -20.50 -3.14 12.52
C TYR A 75 -20.63 -3.04 11.01
N TYR A 76 -21.34 -4.02 10.46
CA TYR A 76 -21.64 -4.06 9.05
C TYR A 76 -23.02 -3.39 9.03
N PHE A 77 -23.16 -2.37 8.20
CA PHE A 77 -24.45 -1.69 8.02
C PHE A 77 -24.80 -1.86 6.55
N SER A 78 -26.05 -2.16 6.26
CA SER A 78 -26.49 -2.28 4.87
C SER A 78 -27.95 -1.94 4.75
N LYS A 79 -28.24 -1.31 3.62
CA LYS A 79 -29.55 -0.81 3.22
C LYS A 79 -30.04 0.28 4.15
N GLY A 80 -30.20 1.46 3.59
CA GLY A 80 -30.68 2.61 4.32
C GLY A 80 -30.85 3.65 3.24
N THR A 81 -31.31 4.84 3.55
CA THR A 81 -31.33 5.73 2.42
C THR A 81 -30.42 6.86 2.73
N LEU A 82 -30.02 7.55 1.68
CA LEU A 82 -29.10 8.63 1.79
C LEU A 82 -29.77 9.89 1.17
N LYS A 83 -29.53 11.06 1.78
CA LYS A 83 -30.08 12.32 1.31
C LYS A 83 -29.01 13.37 1.56
N ILE A 84 -29.22 14.55 0.97
CA ILE A 84 -28.29 15.67 1.17
C ILE A 84 -28.30 15.97 2.67
N ALA A 85 -27.16 16.22 3.31
CA ALA A 85 -27.19 16.41 4.73
C ALA A 85 -27.55 17.78 5.25
N ASN A 86 -28.03 17.77 6.49
CA ASN A 86 -28.43 18.98 7.20
C ASN A 86 -27.18 19.38 8.03
N LYS A 87 -26.20 19.89 7.32
CA LYS A 87 -24.93 20.28 7.94
C LYS A 87 -25.01 21.30 9.04
N GLN A 88 -26.16 21.94 9.19
CA GLN A 88 -26.25 22.92 10.25
C GLN A 88 -26.43 22.21 11.60
N PHE A 89 -26.60 20.90 11.61
CA PHE A 89 -26.83 20.19 12.86
C PHE A 89 -25.73 19.22 13.23
N THR A 90 -24.62 19.27 12.50
CA THR A 90 -23.55 18.32 12.73
C THR A 90 -22.21 18.89 12.21
N ALA A 91 -21.09 18.33 12.65
CA ALA A 91 -19.79 18.78 12.21
C ALA A 91 -19.28 17.83 11.15
N VAL A 92 -20.02 16.73 10.94
CA VAL A 92 -19.65 15.72 9.92
C VAL A 92 -19.67 16.43 8.54
N LYS A 93 -18.64 16.24 7.73
CA LYS A 93 -18.54 16.97 6.47
C LYS A 93 -19.23 16.31 5.28
N ASN A 94 -19.43 15.02 5.39
CA ASN A 94 -20.05 14.27 4.33
C ASN A 94 -21.25 14.96 3.71
N ASP A 95 -21.30 14.98 2.38
CA ASP A 95 -22.43 15.60 1.69
C ASP A 95 -23.78 14.92 1.94
N TYR A 96 -23.78 13.68 2.38
CA TYR A 96 -25.05 13.03 2.62
C TYR A 96 -25.20 12.47 4.05
N GLU A 97 -26.41 12.09 4.41
CA GLU A 97 -26.67 11.48 5.72
C GLU A 97 -27.40 10.20 5.41
N MET A 98 -27.29 9.21 6.29
CA MET A 98 -27.98 7.95 6.07
C MET A 98 -29.13 7.83 7.06
N THR A 99 -30.32 7.46 6.61
CA THR A 99 -31.40 7.24 7.55
C THR A 99 -31.88 5.75 7.41
N PHE A 100 -31.99 5.04 8.54
CA PHE A 100 -32.42 3.65 8.59
C PHE A 100 -33.90 3.50 8.21
N ASN A 101 -34.22 2.41 7.51
CA ASN A 101 -35.61 2.07 7.16
C ASN A 101 -35.82 0.73 7.80
N ASN A 102 -36.99 0.10 7.60
CA ASN A 102 -37.28 -1.22 8.23
C ASN A 102 -36.72 -2.46 7.52
N GLU A 103 -35.73 -2.27 6.65
CA GLU A 103 -35.06 -3.35 5.96
C GLU A 103 -33.53 -3.08 6.08
N THR A 104 -33.17 -2.36 7.13
CA THR A 104 -31.79 -1.99 7.41
C THR A 104 -31.32 -3.03 8.40
N SER A 105 -30.12 -3.59 8.19
CA SER A 105 -29.50 -4.57 9.08
C SER A 105 -28.14 -4.11 9.60
N VAL A 106 -27.84 -4.49 10.83
CA VAL A 106 -26.58 -4.15 11.49
C VAL A 106 -25.97 -5.41 12.09
N MET A 107 -24.79 -5.80 11.62
CA MET A 107 -24.18 -7.01 12.13
C MET A 107 -22.87 -6.72 12.84
N PRO A 108 -22.68 -7.26 14.05
CA PRO A 108 -21.46 -7.05 14.81
C PRO A 108 -20.28 -7.70 14.09
N CYS A 109 -19.05 -7.24 14.34
CA CYS A 109 -17.86 -7.84 13.71
C CYS A 109 -16.92 -8.50 14.72
N GLU A 110 -16.16 -9.50 14.27
CA GLU A 110 -15.23 -10.17 15.19
C GLU A 110 -14.14 -9.20 15.54
N ASP A 111 -13.38 -8.78 14.52
CA ASP A 111 -12.30 -7.81 14.74
C ASP A 111 -12.68 -6.43 14.22
N ASP A 112 -11.88 -5.44 14.58
CA ASP A 112 -12.13 -4.06 14.17
C ASP A 112 -11.72 -3.68 12.76
N HIS A 113 -11.22 -4.64 11.97
CA HIS A 113 -10.77 -4.40 10.58
C HIS A 113 -9.77 -3.27 10.51
N HIS A 114 -9.13 -2.97 11.64
CA HIS A 114 -8.18 -1.89 11.66
C HIS A 114 -8.88 -0.60 11.30
N LEU A 115 -10.09 -0.45 11.82
CA LEU A 115 -10.82 0.77 11.58
C LEU A 115 -10.43 1.83 12.62
N PRO A 116 -10.25 3.06 12.14
CA PRO A 116 -9.88 4.15 13.02
C PRO A 116 -10.87 4.25 14.17
N THR A 117 -10.46 4.97 15.22
CA THR A 117 -11.30 5.16 16.38
C THR A 117 -11.98 6.52 16.35
N VAL A 118 -11.48 7.43 15.54
CA VAL A 118 -12.08 8.77 15.42
C VAL A 118 -12.02 9.10 13.93
N GLN A 119 -12.65 10.20 13.55
CA GLN A 119 -12.65 10.53 12.15
C GLN A 119 -11.37 11.28 11.83
N PHE A 120 -10.58 10.85 10.84
CA PHE A 120 -9.39 11.59 10.49
C PHE A 120 -9.54 11.98 9.05
N ASP A 121 -9.25 13.23 8.71
CA ASP A 121 -9.22 13.72 7.33
C ASP A 121 -7.76 14.27 7.15
N PHE A 122 -6.84 13.37 6.85
CA PHE A 122 -5.40 13.69 6.73
C PHE A 122 -4.95 14.53 5.60
N THR A 123 -4.20 15.58 5.94
CA THR A 123 -3.57 16.47 4.96
C THR A 123 -2.15 15.88 4.99
N GLY A 124 -1.69 15.40 3.85
CA GLY A 124 -0.34 14.90 3.85
C GLY A 124 0.58 16.01 4.31
N ILE A 125 1.69 15.66 4.95
CA ILE A 125 2.64 16.69 5.40
C ILE A 125 3.17 17.63 4.29
N ASP A 126 3.34 17.09 3.09
CA ASP A 126 3.86 17.89 1.99
C ASP A 126 2.83 18.91 1.50
N ASP A 127 1.59 18.75 1.92
CA ASP A 127 0.55 19.70 1.53
C ASP A 127 0.31 20.74 2.62
N LEU A 128 1.02 20.64 3.73
CA LEU A 128 0.77 21.64 4.76
C LEU A 128 1.12 23.05 4.27
N GLU A 129 2.11 23.16 3.41
CA GLU A 129 2.49 24.48 2.90
C GLU A 129 1.33 25.25 2.20
N ASN A 130 0.25 24.54 1.85
CA ASN A 130 -0.90 25.16 1.14
C ASN A 130 -1.95 25.75 2.04
N LYS A 131 -2.00 25.26 3.27
CA LYS A 131 -2.98 25.65 4.27
C LYS A 131 -2.68 27.02 4.84
N SER A 132 -3.71 27.82 5.09
CA SER A 132 -3.50 29.16 5.62
C SER A 132 -3.26 29.09 7.10
N LYS A 133 -2.56 30.09 7.61
CA LYS A 133 -2.30 30.12 9.05
C LYS A 133 -3.65 30.16 9.75
N ASP A 134 -3.69 29.51 10.91
CA ASP A 134 -4.87 29.42 11.74
C ASP A 134 -5.87 28.35 11.36
N SER A 135 -5.66 27.67 10.23
CA SER A 135 -6.56 26.61 9.78
C SER A 135 -6.33 25.32 10.51
N LEU A 136 -7.38 24.52 10.69
CA LEU A 136 -7.24 23.23 11.34
C LEU A 136 -6.89 22.11 10.36
N VAL A 137 -6.22 21.07 10.87
CA VAL A 137 -5.78 19.89 10.13
C VAL A 137 -5.64 18.62 11.00
N ASP A 138 -5.71 17.50 10.30
CA ASP A 138 -5.53 16.17 10.84
C ASP A 138 -4.31 15.63 10.10
N ILE A 139 -3.30 15.20 10.83
CA ILE A 139 -2.12 14.70 10.16
C ILE A 139 -1.64 13.41 10.77
N ILE A 140 -0.75 12.72 10.06
CA ILE A 140 -0.19 11.49 10.57
C ILE A 140 1.20 11.36 10.00
N GLY A 141 2.18 11.03 10.83
CA GLY A 141 3.51 10.87 10.29
C GLY A 141 4.36 10.14 11.30
N ILE A 142 5.57 9.75 10.87
CA ILE A 142 6.39 9.05 11.83
C ILE A 142 7.32 10.09 12.49
N CYS A 143 7.72 9.83 13.72
CA CYS A 143 8.61 10.73 14.43
C CYS A 143 10.06 10.78 13.90
N LYS A 144 10.48 11.86 13.28
CA LYS A 144 11.87 11.96 12.77
C LYS A 144 12.80 12.18 13.97
N SER A 145 12.41 12.98 14.95
CA SER A 145 13.24 13.23 16.15
C SER A 145 12.43 14.05 17.08
N TYR A 146 12.90 14.24 18.29
CA TYR A 146 12.13 15.02 19.24
C TYR A 146 13.03 15.72 20.23
N GLU A 147 12.62 16.90 20.70
CA GLU A 147 13.43 17.61 21.68
C GLU A 147 12.95 17.23 23.07
N ASP A 148 13.78 17.59 24.05
CA ASP A 148 13.47 17.39 25.43
C ASP A 148 12.45 18.44 25.81
N ALA A 149 11.61 18.15 26.79
CA ALA A 149 10.63 19.13 27.22
C ALA A 149 11.20 20.21 28.13
N THR A 150 10.64 21.39 27.99
CA THR A 150 11.00 22.53 28.85
C THR A 150 9.80 22.91 29.79
N LYS A 151 10.09 23.22 31.03
CA LYS A 151 9.04 23.58 31.97
C LYS A 151 8.92 25.12 31.97
N ILE A 152 7.89 25.67 31.37
CA ILE A 152 7.75 27.12 31.41
C ILE A 152 6.84 27.50 32.59
N THR A 153 7.39 28.26 33.52
CA THR A 153 6.65 28.70 34.69
C THR A 153 6.40 30.19 34.67
N VAL A 154 5.36 30.61 35.38
CA VAL A 154 5.03 32.03 35.58
C VAL A 154 5.76 32.34 36.91
N ARG A 155 6.55 33.41 37.00
CA ARG A 155 7.32 33.67 38.24
C ARG A 155 6.51 34.04 39.46
N SER A 156 5.35 34.64 39.24
CA SER A 156 4.50 35.05 40.34
C SER A 156 3.95 33.83 41.13
N ASN A 157 3.23 32.96 40.44
CA ASN A 157 2.62 31.82 41.08
C ASN A 157 3.27 30.46 40.86
N ASN A 158 2.41 29.44 40.88
CA ASN A 158 2.82 28.06 40.67
C ASN A 158 2.34 27.47 39.38
N ARG A 159 1.84 28.31 38.49
CA ARG A 159 1.41 27.81 37.20
C ARG A 159 2.75 27.56 36.51
N GLU A 160 2.78 26.52 35.69
CA GLU A 160 3.96 26.08 34.98
C GLU A 160 3.42 25.23 33.88
N VAL A 161 4.12 25.10 32.78
CA VAL A 161 3.59 24.29 31.69
C VAL A 161 4.71 23.81 30.74
N ALA A 162 4.77 22.50 30.51
CA ALA A 162 5.76 21.87 29.68
C ALA A 162 5.53 22.29 28.24
N LYS A 163 6.58 22.44 27.44
CA LYS A 163 6.42 22.83 26.03
C LYS A 163 7.39 21.86 25.36
N ARG A 164 7.18 21.43 24.13
CA ARG A 164 8.07 20.43 23.58
C ARG A 164 7.87 20.34 22.07
N ASN A 165 8.96 20.26 21.30
CA ASN A 165 8.80 20.20 19.85
C ASN A 165 9.07 18.80 19.36
N ILE A 166 8.27 18.29 18.45
CA ILE A 166 8.60 17.00 17.92
C ILE A 166 8.62 17.21 16.37
N TYR A 167 9.12 16.23 15.65
CA TYR A 167 9.22 16.37 14.21
C TYR A 167 8.76 15.11 13.62
N LEU A 168 7.81 15.27 12.71
CA LEU A 168 7.18 14.11 12.05
C LEU A 168 7.51 14.15 10.59
N MET A 169 7.37 13.00 9.94
CA MET A 169 7.60 12.89 8.51
C MET A 169 6.76 11.74 8.08
N ASP A 170 6.19 11.91 6.90
CA ASP A 170 5.44 10.83 6.31
C ASP A 170 6.33 10.36 5.20
N THR A 171 5.77 9.50 4.35
CA THR A 171 6.51 8.93 3.19
C THR A 171 6.98 9.90 2.10
N SER A 172 6.58 11.16 2.20
CA SER A 172 6.97 12.14 1.20
C SER A 172 8.34 12.73 1.53
N GLY A 173 8.91 12.35 2.69
CA GLY A 173 10.21 12.89 3.08
C GLY A 173 10.12 14.26 3.76
N LYS A 174 8.97 14.91 3.72
CA LYS A 174 8.86 16.18 4.40
C LYS A 174 8.61 16.05 5.92
N VAL A 175 9.07 17.07 6.66
CA VAL A 175 8.97 17.15 8.13
C VAL A 175 8.24 18.41 8.63
N VAL A 176 7.51 18.32 9.74
CA VAL A 176 6.89 19.51 10.29
C VAL A 176 7.22 19.50 11.73
N THR A 177 7.22 20.69 12.35
CA THR A 177 7.45 20.67 13.77
C THR A 177 6.06 20.67 14.38
N ALA A 178 5.81 19.81 15.37
CA ALA A 178 4.52 19.90 16.01
C ALA A 178 4.88 20.36 17.42
N THR A 179 4.17 21.34 17.97
CA THR A 179 4.43 21.79 19.31
C THR A 179 3.47 21.15 20.33
N LEU A 180 4.01 20.62 21.42
CA LEU A 180 3.18 20.00 22.43
C LEU A 180 3.26 20.76 23.75
N TRP A 181 2.11 20.94 24.42
CA TRP A 181 2.07 21.62 25.72
C TRP A 181 1.51 20.71 26.83
N GLY A 182 1.69 21.13 28.06
CA GLY A 182 1.18 20.41 29.21
C GLY A 182 1.31 18.91 29.19
N GLU A 183 0.23 18.25 29.53
CA GLU A 183 0.15 16.82 29.55
C GLU A 183 0.83 16.18 28.29
N ASP A 184 0.46 16.63 27.10
CA ASP A 184 1.07 15.99 25.96
C ASP A 184 2.60 16.10 25.94
N ALA A 185 3.14 17.26 26.31
CA ALA A 185 4.57 17.45 26.23
C ALA A 185 5.28 16.56 27.21
N ASP A 186 4.76 16.53 28.42
CA ASP A 186 5.27 15.74 29.53
C ASP A 186 5.30 14.23 29.19
N LYS A 187 4.16 13.70 28.74
CA LYS A 187 3.97 12.29 28.41
C LYS A 187 4.65 11.72 27.17
N PHE A 188 5.05 12.56 26.24
CA PHE A 188 5.67 12.04 25.02
C PHE A 188 6.73 10.96 25.23
N ASP A 189 6.70 9.96 24.38
CA ASP A 189 7.67 8.92 24.49
C ASP A 189 8.15 8.66 23.11
N GLY A 190 9.37 9.11 22.85
CA GLY A 190 9.97 8.94 21.55
C GLY A 190 10.56 7.56 21.49
N SER A 191 10.20 6.70 22.43
CA SER A 191 10.73 5.33 22.41
C SER A 191 10.26 4.63 21.13
N ARG A 192 11.03 3.67 20.68
CA ARG A 192 10.69 2.93 19.48
C ARG A 192 10.09 3.69 18.27
N GLN A 193 10.39 4.98 18.19
CA GLN A 193 9.98 5.81 17.06
C GLN A 193 8.55 5.58 16.67
N PRO A 194 7.61 6.23 17.37
CA PRO A 194 6.17 6.14 17.17
C PRO A 194 5.53 6.88 16.02
N VAL A 195 4.42 6.34 15.52
CA VAL A 195 3.64 6.98 14.49
C VAL A 195 2.57 7.73 15.28
N LEU A 196 2.37 9.00 14.94
CA LEU A 196 1.37 9.83 15.60
C LEU A 196 0.35 10.32 14.61
N ALA A 197 -0.91 10.14 14.96
CA ALA A 197 -2.00 10.64 14.13
C ALA A 197 -2.48 11.81 15.00
N ILE A 198 -2.62 13.00 14.40
CA ILE A 198 -3.03 14.15 15.17
C ILE A 198 -4.25 14.75 14.57
N LYS A 199 -5.31 14.83 15.34
CA LYS A 199 -6.57 15.40 14.84
C LYS A 199 -6.73 16.78 15.46
N GLY A 200 -7.20 17.73 14.63
CA GLY A 200 -7.45 19.06 15.11
C GLY A 200 -6.23 19.86 15.61
N ALA A 201 -5.13 19.80 14.85
CA ALA A 201 -3.95 20.55 15.19
C ALA A 201 -4.17 21.91 14.50
N ARG A 202 -3.41 22.92 14.89
CA ARG A 202 -3.58 24.20 14.22
C ARG A 202 -2.30 24.63 13.58
N VAL A 203 -2.39 25.11 12.36
CA VAL A 203 -1.24 25.55 11.61
C VAL A 203 -0.94 26.92 12.12
N SER A 204 0.32 27.14 12.49
CA SER A 204 0.79 28.41 13.00
C SER A 204 2.00 28.93 12.19
N ASP A 205 2.04 30.25 12.01
CA ASP A 205 3.13 30.87 11.31
C ASP A 205 3.90 31.60 12.37
N PHE A 206 3.40 31.54 13.61
CA PHE A 206 4.15 32.18 14.67
C PHE A 206 5.48 31.45 14.93
N GLY A 207 6.55 32.21 14.85
CA GLY A 207 7.87 31.63 15.05
C GLY A 207 8.28 30.65 13.96
N GLY A 208 7.65 30.73 12.78
CA GLY A 208 8.02 29.79 11.76
C GLY A 208 6.88 28.81 11.67
N ARG A 209 6.55 28.37 10.45
CA ARG A 209 5.47 27.47 10.20
C ARG A 209 5.59 26.22 11.03
N SER A 210 4.46 25.74 11.55
CA SER A 210 4.43 24.60 12.41
C SER A 210 3.00 24.29 12.77
N LEU A 211 2.86 23.28 13.58
CA LEU A 211 1.58 22.80 13.93
C LEU A 211 1.56 22.81 15.41
N SER A 212 0.51 23.41 15.98
CA SER A 212 0.32 23.51 17.42
C SER A 212 -0.69 22.47 17.84
N VAL A 213 -0.42 21.73 18.89
CA VAL A 213 -1.35 20.73 19.37
C VAL A 213 -2.17 21.32 20.54
N LEU A 214 -3.38 21.76 20.24
CA LEU A 214 -4.22 22.41 21.23
C LEU A 214 -4.81 21.47 22.20
N SER A 215 -5.36 22.03 23.28
CA SER A 215 -6.01 21.21 24.28
C SER A 215 -7.11 20.44 23.60
N SER A 216 -7.74 21.11 22.65
CA SER A 216 -8.83 20.52 21.88
C SER A 216 -8.35 19.56 20.82
N SER A 217 -7.06 19.54 20.54
CA SER A 217 -6.56 18.62 19.52
C SER A 217 -6.49 17.25 20.16
N THR A 218 -6.49 16.19 19.35
CA THR A 218 -6.38 14.82 19.84
C THR A 218 -5.17 14.14 19.25
N ILE A 219 -4.43 13.35 20.04
CA ILE A 219 -3.23 12.69 19.54
C ILE A 219 -3.27 11.23 19.73
N ILE A 220 -3.31 10.45 18.67
CA ILE A 220 -3.27 9.05 18.89
C ILE A 220 -1.91 8.49 18.49
N ALA A 221 -1.33 7.69 19.40
CA ALA A 221 -0.05 7.10 19.12
C ALA A 221 -0.15 5.64 18.61
N ASN A 222 0.53 5.38 17.50
CA ASN A 222 0.52 4.06 16.86
C ASN A 222 -0.86 3.47 16.75
N PRO A 223 -1.80 4.17 16.11
CA PRO A 223 -3.12 3.56 16.01
C PRO A 223 -2.97 2.37 15.04
N ASP A 224 -3.81 1.33 15.15
CA ASP A 224 -3.75 0.15 14.28
C ASP A 224 -4.60 0.44 13.09
N ILE A 225 -4.00 1.26 12.25
CA ILE A 225 -4.57 1.84 11.04
C ILE A 225 -3.63 1.62 9.83
N PRO A 226 -4.20 1.27 8.68
CA PRO A 226 -3.39 1.04 7.49
C PRO A 226 -2.44 2.19 7.18
N GLU A 227 -2.84 3.42 7.47
CA GLU A 227 -1.94 4.53 7.18
C GLU A 227 -0.73 4.47 8.12
N ALA A 228 -0.96 4.20 9.40
CA ALA A 228 0.12 4.10 10.34
C ALA A 228 1.09 3.01 9.83
N TYR A 229 0.57 1.86 9.38
CA TYR A 229 1.40 0.76 8.86
C TYR A 229 2.19 1.18 7.61
N LYS A 230 1.52 1.80 6.67
CA LYS A 230 2.20 2.20 5.46
C LYS A 230 3.43 3.01 5.86
N LEU A 231 3.30 3.88 6.86
CA LEU A 231 4.37 4.73 7.32
C LEU A 231 5.53 3.95 7.92
N ARG A 232 5.20 3.24 8.99
CA ARG A 232 6.15 2.46 9.71
C ARG A 232 6.86 1.55 8.73
N GLY A 233 6.05 0.86 7.93
CA GLY A 233 6.58 -0.03 6.90
C GLY A 233 7.53 0.66 5.95
N TRP A 234 7.15 1.82 5.45
CA TRP A 234 8.02 2.52 4.58
C TRP A 234 9.27 3.00 5.32
N PHE A 235 9.17 3.25 6.63
CA PHE A 235 10.36 3.70 7.36
C PHE A 235 11.38 2.57 7.31
N ASP A 236 11.05 1.40 7.83
CA ASP A 236 11.93 0.25 7.81
C ASP A 236 12.62 0.06 6.47
N ALA A 237 11.82 0.10 5.43
CA ALA A 237 12.34 -0.10 4.10
C ALA A 237 13.29 1.01 3.70
N GLU A 238 12.80 2.25 3.68
CA GLU A 238 13.60 3.41 3.27
C GLU A 238 13.52 4.57 4.27
N GLY A 239 13.85 4.27 5.52
CA GLY A 239 13.82 5.26 6.59
C GLY A 239 15.20 5.77 6.95
N GLN A 240 16.13 5.59 6.01
CA GLN A 240 17.51 6.08 6.15
C GLN A 240 17.53 7.38 5.34
N ALA A 241 16.33 7.89 5.08
CA ALA A 241 16.14 9.13 4.35
C ALA A 241 16.55 10.24 5.31
N LEU A 242 17.29 11.24 4.79
CA LEU A 242 17.78 12.37 5.59
C LEU A 242 16.68 13.26 6.23
N ASP A 243 16.05 14.14 5.44
CA ASP A 243 15.00 15.04 5.96
C ASP A 243 14.56 16.17 5.01
N GLY A 244 13.78 17.14 5.54
CA GLY A 244 13.30 18.29 4.76
C GLY A 244 12.23 19.18 5.45
N VAL A 245 12.63 20.35 5.95
CA VAL A 245 11.73 21.31 6.66
C VAL A 245 10.42 21.69 5.92
N SER A 246 9.63 22.57 6.53
CA SER A 246 8.34 23.06 6.01
C SER A 246 7.19 22.12 6.38
N MET B 1 10.38 11.46 -17.32
CA MET B 1 10.98 10.35 -18.14
C MET B 1 9.92 9.70 -19.02
N SER B 2 8.80 10.40 -19.20
CA SER B 2 7.72 9.83 -20.02
C SER B 2 7.45 10.47 -21.39
N LYS B 3 8.53 10.66 -22.14
CA LYS B 3 8.50 11.21 -23.50
C LYS B 3 8.60 10.02 -24.48
N VAL B 4 8.19 8.85 -24.02
CA VAL B 4 8.25 7.63 -24.84
C VAL B 4 7.22 7.55 -25.95
N VAL B 5 7.55 6.79 -27.00
CA VAL B 5 6.66 6.61 -28.14
C VAL B 5 6.46 5.12 -28.49
N PRO B 6 5.29 4.76 -29.05
CA PRO B 6 5.07 3.35 -29.40
C PRO B 6 6.20 2.74 -30.27
N ILE B 7 6.65 1.53 -29.92
CA ILE B 7 7.71 0.87 -30.69
C ILE B 7 7.41 0.98 -32.19
N ALA B 8 6.15 0.74 -32.56
CA ALA B 8 5.69 0.76 -33.95
C ALA B 8 5.86 2.07 -34.71
N SER B 9 5.95 3.16 -33.97
CA SER B 9 6.12 4.49 -34.58
C SER B 9 7.58 4.79 -35.02
N LEU B 10 8.54 4.01 -34.52
CA LEU B 10 9.92 4.28 -34.84
C LEU B 10 10.26 4.05 -36.29
N THR B 11 11.13 4.94 -36.80
CA THR B 11 11.71 4.92 -38.14
C THR B 11 13.16 5.32 -37.98
N PRO B 12 13.98 5.08 -39.02
CA PRO B 12 15.39 5.44 -38.95
C PRO B 12 15.60 6.94 -39.24
N TYR B 13 16.73 7.43 -38.75
CA TYR B 13 17.12 8.82 -38.90
C TYR B 13 16.10 9.65 -38.22
N GLN B 14 15.33 9.02 -37.35
CA GLN B 14 14.30 9.72 -36.61
C GLN B 14 14.95 10.74 -35.71
N SER B 15 14.17 11.77 -35.46
CA SER B 15 14.51 12.91 -34.62
C SER B 15 15.23 12.52 -33.32
N LYS B 16 14.56 11.75 -32.48
CA LYS B 16 15.10 11.31 -31.20
C LYS B 16 13.97 10.53 -30.52
N TRP B 17 14.28 9.45 -29.83
CA TRP B 17 13.21 8.70 -29.20
C TRP B 17 13.51 7.95 -27.90
N THR B 18 12.46 7.64 -27.15
CA THR B 18 12.65 6.81 -25.96
C THR B 18 11.44 5.88 -25.93
N ILE B 19 11.66 4.62 -25.56
CA ILE B 19 10.59 3.61 -25.48
C ILE B 19 10.56 2.84 -24.15
N CYS B 20 9.37 2.34 -23.82
CA CYS B 20 9.17 1.52 -22.62
C CYS B 20 8.63 0.20 -23.15
N ALA B 21 9.33 -0.87 -22.83
CA ALA B 21 8.92 -2.18 -23.32
C ALA B 21 9.56 -3.30 -22.54
N ARG B 22 8.98 -4.49 -22.72
CA ARG B 22 9.43 -5.70 -22.06
C ARG B 22 10.41 -6.54 -22.87
N VAL B 23 11.57 -6.80 -22.29
CA VAL B 23 12.56 -7.64 -22.94
C VAL B 23 11.97 -9.06 -22.86
N THR B 24 11.22 -9.48 -23.88
CA THR B 24 10.60 -10.80 -23.94
C THR B 24 11.56 -11.86 -24.46
N ASN B 25 12.85 -11.50 -24.60
CA ASN B 25 13.84 -12.42 -25.16
C ASN B 25 15.26 -11.92 -25.18
N LYS B 26 16.18 -12.64 -24.58
CA LYS B 26 17.55 -12.22 -24.64
C LYS B 26 18.35 -13.39 -25.12
N SER B 27 19.23 -13.16 -26.07
CA SER B 27 20.06 -14.24 -26.54
C SER B 27 21.25 -14.20 -25.59
N GLN B 28 22.14 -15.18 -25.74
CA GLN B 28 23.35 -15.24 -24.93
C GLN B 28 24.36 -14.35 -25.66
N ILE B 29 25.63 -14.44 -25.30
CA ILE B 29 26.62 -13.61 -25.94
C ILE B 29 27.25 -14.31 -27.10
N ARG B 30 27.18 -13.70 -28.28
CA ARG B 30 27.80 -14.30 -29.45
C ARG B 30 29.12 -13.64 -29.76
N THR B 31 30.17 -14.46 -29.78
CA THR B 31 31.55 -14.07 -30.02
C THR B 31 31.96 -14.38 -31.47
N TRP B 32 32.73 -13.49 -32.07
CA TRP B 32 33.18 -13.73 -33.43
C TRP B 32 34.55 -13.18 -33.56
N SER B 33 35.25 -13.67 -34.58
CA SER B 33 36.63 -13.27 -34.90
C SER B 33 36.89 -13.20 -36.39
N ASN B 34 37.45 -12.08 -36.82
CA ASN B 34 37.81 -11.94 -38.23
C ASN B 34 39.20 -11.30 -38.16
N SER B 35 39.55 -10.45 -39.11
CA SER B 35 40.87 -9.82 -39.05
C SER B 35 40.80 -8.39 -38.52
N ARG B 36 40.21 -8.28 -37.33
CA ARG B 36 40.05 -7.04 -36.60
C ARG B 36 39.82 -7.53 -35.16
N GLY B 37 40.16 -8.81 -34.96
CA GLY B 37 40.05 -9.43 -33.65
C GLY B 37 38.71 -9.95 -33.21
N GLU B 38 38.63 -10.20 -31.92
CA GLU B 38 37.42 -10.68 -31.32
C GLU B 38 36.38 -9.57 -31.30
N GLY B 39 35.15 -10.00 -31.04
CA GLY B 39 34.00 -9.12 -30.99
C GLY B 39 32.87 -9.97 -30.43
N LYS B 40 31.93 -9.31 -29.79
CA LYS B 40 30.81 -9.97 -29.18
C LYS B 40 29.60 -9.09 -29.44
N LEU B 41 28.44 -9.63 -29.08
CA LEU B 41 27.15 -8.95 -29.24
C LEU B 41 26.11 -9.84 -28.57
N PHE B 42 24.88 -9.37 -28.41
CA PHE B 42 23.83 -10.23 -27.85
C PHE B 42 22.56 -9.50 -28.25
N SER B 43 21.49 -10.21 -28.60
CA SER B 43 20.29 -9.50 -29.02
C SER B 43 19.13 -9.67 -28.07
N LEU B 44 18.06 -8.93 -28.36
CA LEU B 44 16.92 -8.91 -27.51
C LEU B 44 15.68 -8.77 -28.31
N GLU B 45 14.57 -9.28 -27.82
CA GLU B 45 13.34 -9.02 -28.53
C GLU B 45 12.68 -8.01 -27.56
N LEU B 46 11.93 -7.02 -28.08
CA LEU B 46 11.31 -5.98 -27.25
C LEU B 46 9.91 -5.76 -27.70
N VAL B 47 8.97 -5.96 -26.79
CA VAL B 47 7.60 -5.77 -27.16
C VAL B 47 6.95 -4.71 -26.33
N ASP B 48 5.95 -4.08 -26.93
CA ASP B 48 5.16 -3.02 -26.30
C ASP B 48 3.74 -3.17 -26.84
N GLU B 49 2.89 -2.23 -26.51
CA GLU B 49 1.51 -2.27 -26.97
C GLU B 49 1.42 -2.26 -28.50
N SER B 50 2.21 -1.37 -29.14
CA SER B 50 2.20 -1.19 -30.60
C SER B 50 2.69 -2.36 -31.43
N GLY B 51 3.83 -2.93 -31.02
CA GLY B 51 4.37 -4.06 -31.74
C GLY B 51 5.56 -4.69 -31.04
N GLU B 52 6.57 -5.00 -31.84
CA GLU B 52 7.79 -5.61 -31.30
C GLU B 52 9.00 -5.22 -32.16
N ILE B 53 10.20 -5.45 -31.62
CA ILE B 53 11.41 -5.16 -32.38
C ILE B 53 12.67 -5.84 -31.87
N ARG B 54 13.51 -6.30 -32.81
CA ARG B 54 14.75 -6.96 -32.43
C ARG B 54 15.81 -5.91 -32.24
N ALA B 55 16.67 -6.05 -31.23
CA ALA B 55 17.76 -5.08 -30.96
C ALA B 55 19.05 -5.82 -30.72
N THR B 56 20.15 -5.21 -31.13
CA THR B 56 21.45 -5.85 -30.96
C THR B 56 22.39 -4.88 -30.31
N ALA B 57 23.31 -5.41 -29.52
CA ALA B 57 24.28 -4.58 -28.83
C ALA B 57 25.60 -5.25 -29.08
N PHE B 58 26.58 -4.47 -29.51
CA PHE B 58 27.87 -5.02 -29.81
C PHE B 58 28.96 -4.66 -28.82
N ASN B 59 29.96 -5.53 -28.77
CA ASN B 59 31.18 -5.41 -27.97
C ASN B 59 31.06 -4.68 -26.64
N GLU B 60 31.61 -3.48 -26.54
CA GLU B 60 31.55 -2.68 -25.32
C GLU B 60 30.16 -2.59 -24.69
N GLN B 61 29.14 -2.33 -25.52
CA GLN B 61 27.74 -2.22 -25.05
C GLN B 61 27.26 -3.52 -24.40
N VAL B 62 27.76 -4.66 -24.86
CA VAL B 62 27.37 -5.95 -24.28
C VAL B 62 27.87 -5.90 -22.89
N ASP B 63 29.16 -5.66 -22.76
CA ASP B 63 29.80 -5.57 -21.46
C ASP B 63 28.87 -4.80 -20.50
N LYS B 64 28.40 -3.64 -20.97
CA LYS B 64 27.52 -2.75 -20.22
C LYS B 64 26.10 -3.29 -19.94
N PHE B 65 25.32 -3.47 -21.00
CA PHE B 65 23.93 -3.90 -20.86
C PHE B 65 23.66 -5.38 -20.66
N PHE B 66 24.63 -6.23 -20.99
CA PHE B 66 24.38 -7.65 -20.85
C PHE B 66 23.85 -7.90 -19.44
N PRO B 67 24.61 -7.46 -18.43
CA PRO B 67 24.19 -7.64 -17.04
C PRO B 67 22.92 -6.89 -16.64
N LEU B 68 22.71 -5.72 -17.25
CA LEU B 68 21.58 -4.87 -16.89
C LEU B 68 20.21 -5.26 -17.44
N ILE B 69 20.16 -6.16 -18.42
CA ILE B 69 18.84 -6.51 -18.92
C ILE B 69 18.48 -7.92 -18.55
N GLU B 70 17.45 -8.01 -17.70
CA GLU B 70 16.90 -9.26 -17.21
C GLU B 70 15.79 -9.71 -18.15
N VAL B 71 15.83 -10.96 -18.56
CA VAL B 71 14.85 -11.47 -19.49
C VAL B 71 13.45 -10.89 -19.36
N ASN B 72 12.57 -11.41 -18.51
CA ASN B 72 11.23 -10.84 -18.44
C ASN B 72 10.98 -9.61 -17.56
N LYS B 73 11.64 -8.48 -17.84
CA LYS B 73 11.41 -7.27 -17.06
C LYS B 73 10.75 -6.22 -17.97
N VAL B 74 11.06 -4.94 -17.73
CA VAL B 74 10.55 -3.82 -18.53
C VAL B 74 11.62 -2.75 -18.44
N TYR B 75 11.78 -1.94 -19.51
CA TYR B 75 12.81 -0.91 -19.47
C TYR B 75 12.57 0.37 -20.28
N TYR B 76 13.43 1.37 -20.03
CA TYR B 76 13.37 2.64 -20.74
C TYR B 76 14.57 2.72 -21.66
N PHE B 77 14.37 2.29 -22.90
CA PHE B 77 15.44 2.30 -23.90
C PHE B 77 15.45 3.63 -24.66
N SER B 78 16.64 4.18 -24.81
CA SER B 78 16.75 5.44 -25.49
C SER B 78 17.88 5.65 -26.50
N LYS B 79 17.53 6.31 -27.60
CA LYS B 79 18.47 6.71 -28.63
C LYS B 79 19.45 5.71 -29.22
N GLY B 80 18.96 4.61 -29.79
CA GLY B 80 19.87 3.68 -30.42
C GLY B 80 19.90 4.06 -31.91
N THR B 81 19.95 3.06 -32.79
CA THR B 81 19.95 3.30 -34.23
C THR B 81 19.01 2.27 -34.84
N LEU B 82 18.34 2.66 -35.92
CA LEU B 82 17.42 1.76 -36.60
C LEU B 82 17.75 1.50 -38.06
N LYS B 83 17.69 0.23 -38.49
CA LYS B 83 17.93 -0.09 -39.89
C LYS B 83 16.85 -1.03 -40.44
N ILE B 84 16.84 -1.22 -41.77
CA ILE B 84 15.90 -2.17 -42.37
C ILE B 84 16.39 -3.47 -41.74
N ALA B 85 15.45 -4.30 -41.27
CA ALA B 85 15.84 -5.53 -40.58
C ALA B 85 16.21 -6.75 -41.46
N ASN B 86 17.21 -7.53 -41.03
CA ASN B 86 17.57 -8.74 -41.77
C ASN B 86 16.57 -9.85 -41.37
N LYS B 87 15.41 -9.81 -42.00
CA LYS B 87 14.33 -10.72 -41.75
C LYS B 87 14.59 -12.19 -41.91
N GLN B 88 15.79 -12.58 -42.33
CA GLN B 88 16.07 -14.01 -42.55
C GLN B 88 16.66 -14.68 -41.33
N PHE B 89 16.90 -13.88 -40.28
CA PHE B 89 17.49 -14.30 -39.00
C PHE B 89 16.53 -14.05 -37.85
N THR B 90 15.30 -13.67 -38.16
CA THR B 90 14.36 -13.39 -37.09
C THR B 90 12.92 -13.58 -37.54
N ALA B 91 12.04 -13.76 -36.57
CA ALA B 91 10.63 -13.90 -36.85
C ALA B 91 9.90 -12.60 -36.40
N VAL B 92 10.67 -11.65 -35.81
CA VAL B 92 10.09 -10.38 -35.39
C VAL B 92 9.42 -9.69 -36.59
N LYS B 93 8.15 -9.36 -36.46
CA LYS B 93 7.45 -8.74 -37.58
C LYS B 93 8.04 -7.46 -38.18
N ASN B 94 8.52 -6.54 -37.34
CA ASN B 94 9.12 -5.26 -37.76
C ASN B 94 10.00 -5.10 -39.06
N ASP B 95 9.70 -4.06 -39.82
CA ASP B 95 10.42 -3.71 -41.03
C ASP B 95 11.83 -3.26 -40.62
N TYR B 96 11.97 -2.78 -39.37
CA TYR B 96 13.26 -2.31 -38.83
C TYR B 96 13.77 -3.10 -37.61
N GLU B 97 15.06 -2.98 -37.39
CA GLU B 97 15.73 -3.66 -36.29
C GLU B 97 16.51 -2.57 -35.58
N MET B 98 16.59 -2.66 -34.26
CA MET B 98 17.30 -1.62 -33.50
C MET B 98 18.67 -2.07 -33.15
N THR B 99 19.57 -1.11 -32.96
CA THR B 99 20.92 -1.43 -32.56
C THR B 99 21.56 -0.35 -31.62
N PHE B 100 22.21 -0.79 -30.55
CA PHE B 100 22.82 0.06 -29.52
C PHE B 100 24.24 0.60 -29.72
N ASN B 101 24.41 1.86 -29.30
CA ASN B 101 25.67 2.60 -29.35
C ASN B 101 25.89 3.19 -27.95
N ASN B 102 27.10 3.70 -27.73
CA ASN B 102 27.50 4.29 -26.45
C ASN B 102 26.65 5.47 -25.98
N GLU B 103 25.84 6.03 -26.87
CA GLU B 103 24.94 7.12 -26.52
C GLU B 103 23.51 6.54 -26.28
N THR B 104 23.46 5.26 -25.93
CA THR B 104 22.22 4.54 -25.66
C THR B 104 22.21 4.22 -24.18
N SER B 105 21.06 4.42 -23.54
CA SER B 105 20.87 4.18 -22.11
C SER B 105 19.59 3.40 -21.87
N VAL B 106 19.62 2.50 -20.89
CA VAL B 106 18.46 1.69 -20.52
C VAL B 106 18.26 1.78 -19.01
N MET B 107 17.14 2.35 -18.58
CA MET B 107 16.87 2.45 -17.14
C MET B 107 15.61 1.65 -16.93
N PRO B 108 15.46 1.03 -15.74
CA PRO B 108 14.29 0.21 -15.38
C PRO B 108 12.91 0.88 -15.17
N CYS B 109 11.87 0.05 -15.08
CA CYS B 109 10.51 0.55 -14.90
C CYS B 109 9.68 -0.41 -14.03
N VAL B 118 4.49 -6.45 -12.51
CA VAL B 118 3.33 -6.85 -13.30
C VAL B 118 2.13 -6.17 -12.66
N GLN B 119 1.09 -6.98 -12.43
CA GLN B 119 -0.13 -6.57 -11.77
C GLN B 119 -0.81 -7.86 -11.34
N PHE B 120 -1.22 -7.89 -10.07
CA PHE B 120 -1.87 -9.06 -9.49
C PHE B 120 -3.18 -8.73 -8.83
N ASP B 121 -4.01 -9.75 -8.67
CA ASP B 121 -5.29 -9.62 -8.02
C ASP B 121 -5.13 -10.51 -6.79
N PHE B 122 -4.75 -9.87 -5.70
CA PHE B 122 -4.46 -10.55 -4.45
C PHE B 122 -5.61 -11.24 -3.71
N THR B 123 -5.31 -12.46 -3.29
CA THR B 123 -6.23 -13.27 -2.53
C THR B 123 -5.66 -13.35 -1.12
N GLY B 124 -6.37 -12.81 -0.15
CA GLY B 124 -5.89 -12.84 1.21
C GLY B 124 -5.56 -14.24 1.67
N ILE B 125 -4.38 -14.37 2.23
CA ILE B 125 -3.94 -15.65 2.73
C ILE B 125 -5.01 -16.33 3.57
N ASP B 126 -5.80 -15.54 4.30
CA ASP B 126 -6.88 -16.05 5.18
C ASP B 126 -8.12 -16.49 4.42
N ASP B 127 -8.11 -16.23 3.12
CA ASP B 127 -9.20 -16.59 2.25
C ASP B 127 -8.69 -17.52 1.14
N LEU B 128 -7.84 -18.48 1.50
CA LEU B 128 -7.34 -19.43 0.53
C LEU B 128 -8.07 -20.71 0.85
N GLU B 129 -8.71 -20.76 2.01
CA GLU B 129 -9.46 -21.96 2.30
C GLU B 129 -10.75 -21.83 1.48
N ASN B 130 -10.88 -20.72 0.73
CA ASN B 130 -12.05 -20.48 -0.14
C ASN B 130 -11.68 -20.76 -1.60
N LYS B 131 -10.40 -20.88 -1.87
CA LYS B 131 -9.96 -21.16 -3.20
C LYS B 131 -9.98 -22.67 -3.27
N SER B 132 -10.15 -23.21 -4.47
CA SER B 132 -10.20 -24.66 -4.66
C SER B 132 -8.93 -25.20 -5.32
N LYS B 133 -8.60 -26.45 -4.98
CA LYS B 133 -7.41 -27.09 -5.53
C LYS B 133 -7.10 -26.69 -6.96
N ASP B 134 -5.82 -26.81 -7.27
CA ASP B 134 -5.33 -26.52 -8.58
C ASP B 134 -5.78 -25.20 -9.21
N SER B 135 -6.32 -24.30 -8.39
CA SER B 135 -6.73 -22.99 -8.90
C SER B 135 -5.52 -22.03 -8.80
N LEU B 136 -5.41 -21.10 -9.74
CA LEU B 136 -4.25 -20.19 -9.77
C LEU B 136 -4.39 -18.84 -9.11
N VAL B 137 -3.93 -18.71 -7.86
CA VAL B 137 -4.01 -17.45 -7.13
C VAL B 137 -2.75 -16.60 -6.98
N ASP B 138 -2.95 -15.35 -6.60
CA ASP B 138 -1.85 -14.42 -6.36
C ASP B 138 -1.93 -14.01 -4.89
N ILE B 139 -0.85 -14.16 -4.14
CA ILE B 139 -0.87 -13.68 -2.75
C ILE B 139 0.30 -12.72 -2.55
N ILE B 140 0.28 -12.04 -1.40
CA ILE B 140 1.37 -11.15 -1.03
C ILE B 140 1.45 -11.38 0.48
N GLY B 141 2.65 -11.58 0.98
CA GLY B 141 2.76 -11.85 2.39
C GLY B 141 4.17 -11.61 2.81
N ILE B 142 4.35 -11.40 4.10
CA ILE B 142 5.70 -11.21 4.54
C ILE B 142 6.21 -12.62 4.97
N CYS B 143 7.49 -12.88 4.74
CA CYS B 143 8.02 -14.15 5.11
C CYS B 143 8.00 -14.32 6.63
N LYS B 144 7.55 -15.45 7.12
CA LYS B 144 7.52 -15.65 8.56
C LYS B 144 8.74 -16.49 8.93
N SER B 145 9.17 -17.34 8.02
CA SER B 145 10.35 -18.17 8.23
C SER B 145 10.62 -18.95 6.95
N TYR B 146 11.78 -19.59 6.86
CA TYR B 146 12.08 -20.40 5.70
C TYR B 146 12.84 -21.65 6.14
N GLU B 147 12.82 -22.71 5.33
CA GLU B 147 13.61 -23.90 5.66
C GLU B 147 14.86 -23.71 4.74
N ASP B 148 15.89 -24.53 4.90
CA ASP B 148 17.01 -24.46 4.01
C ASP B 148 16.54 -25.29 2.83
N ALA B 149 17.18 -25.12 1.70
CA ALA B 149 16.81 -25.88 0.55
C ALA B 149 17.43 -27.29 0.50
N THR B 150 16.65 -28.22 -0.03
CA THR B 150 17.05 -29.60 -0.20
C THR B 150 17.26 -29.97 -1.69
N LYS B 151 18.37 -30.61 -2.01
CA LYS B 151 18.61 -30.99 -3.40
C LYS B 151 18.03 -32.33 -3.65
N ILE B 152 16.97 -32.31 -4.44
CA ILE B 152 16.34 -33.55 -4.82
C ILE B 152 17.02 -33.99 -6.11
N THR B 153 17.31 -35.28 -6.17
CA THR B 153 18.01 -35.83 -7.33
C THR B 153 17.42 -37.08 -7.98
N VAL B 154 18.13 -37.57 -8.98
CA VAL B 154 17.74 -38.77 -9.71
C VAL B 154 18.96 -39.67 -9.63
N ARG B 155 18.84 -40.81 -8.95
CA ARG B 155 19.99 -41.70 -8.84
C ARG B 155 20.49 -42.00 -10.25
N SER B 156 19.52 -42.36 -11.10
CA SER B 156 19.76 -42.68 -12.51
C SER B 156 20.92 -41.87 -13.11
N ASN B 157 20.73 -40.55 -13.16
CA ASN B 157 21.70 -39.66 -13.77
C ASN B 157 22.21 -38.48 -12.96
N ASN B 158 22.42 -37.40 -13.71
CA ASN B 158 22.90 -36.12 -13.20
C ASN B 158 21.84 -34.99 -13.21
N ARG B 159 20.57 -35.38 -13.02
CA ARG B 159 19.47 -34.40 -12.93
C ARG B 159 19.28 -34.13 -11.44
N GLU B 160 18.94 -32.88 -11.12
CA GLU B 160 18.75 -32.52 -9.74
C GLU B 160 17.97 -31.21 -9.68
N VAL B 161 17.09 -31.05 -8.70
CA VAL B 161 16.37 -29.79 -8.55
C VAL B 161 16.29 -29.49 -7.06
N ALA B 162 16.47 -28.21 -6.71
CA ALA B 162 16.40 -27.73 -5.33
C ALA B 162 14.91 -27.61 -4.93
N LYS B 163 14.60 -27.89 -3.65
CA LYS B 163 13.24 -27.76 -3.14
C LYS B 163 13.30 -27.04 -1.78
N ARG B 164 12.41 -26.11 -1.56
CA ARG B 164 12.41 -25.35 -0.29
C ARG B 164 11.04 -24.76 0.05
N ASN B 165 10.64 -24.92 1.30
CA ASN B 165 9.38 -24.35 1.70
C ASN B 165 9.64 -23.01 2.37
N ILE B 166 8.86 -21.98 2.03
CA ILE B 166 8.97 -20.74 2.76
C ILE B 166 7.59 -20.50 3.43
N TYR B 167 7.53 -19.59 4.40
CA TYR B 167 6.24 -19.38 5.03
C TYR B 167 5.82 -17.95 5.04
N LEU B 168 4.67 -17.67 4.42
CA LEU B 168 4.22 -16.30 4.39
C LEU B 168 3.05 -16.06 5.36
N MET B 169 2.83 -14.80 5.66
CA MET B 169 1.82 -14.35 6.57
C MET B 169 1.35 -12.94 6.22
N ASP B 170 0.04 -12.71 6.09
CA ASP B 170 -0.39 -11.31 5.88
C ASP B 170 -1.12 -10.83 7.13
N THR B 171 -1.70 -9.62 7.12
CA THR B 171 -2.33 -9.08 8.35
C THR B 171 -3.44 -9.93 8.95
N SER B 172 -3.98 -10.79 8.11
CA SER B 172 -5.01 -11.66 8.57
C SER B 172 -4.47 -12.46 9.72
N GLY B 173 -3.16 -12.48 9.85
CA GLY B 173 -2.55 -13.28 10.89
C GLY B 173 -2.37 -14.75 10.50
N LYS B 174 -2.90 -15.14 9.34
CA LYS B 174 -2.75 -16.51 8.84
C LYS B 174 -1.39 -16.73 8.07
N VAL B 175 -0.92 -18.00 8.09
CA VAL B 175 0.32 -18.44 7.46
C VAL B 175 0.21 -19.53 6.40
N VAL B 176 0.60 -19.24 5.15
CA VAL B 176 0.63 -20.26 4.09
C VAL B 176 2.08 -20.74 3.84
N THR B 177 2.19 -22.01 3.44
CA THR B 177 3.46 -22.61 3.08
C THR B 177 3.49 -22.51 1.58
N ALA B 178 4.56 -21.98 1.02
CA ALA B 178 4.71 -21.85 -0.43
C ALA B 178 5.86 -22.73 -0.77
N THR B 179 5.78 -23.51 -1.84
CA THR B 179 6.91 -24.38 -2.19
C THR B 179 7.72 -23.83 -3.35
N LEU B 180 9.03 -23.74 -3.19
CA LEU B 180 9.82 -23.23 -4.32
C LEU B 180 10.62 -24.38 -4.85
N TRP B 181 10.80 -24.44 -6.16
CA TRP B 181 11.59 -25.50 -6.85
C TRP B 181 12.68 -24.82 -7.71
N GLY B 182 13.76 -25.55 -8.01
CA GLY B 182 14.85 -25.05 -8.87
C GLY B 182 15.41 -23.69 -8.56
N GLU B 183 15.75 -22.89 -9.60
CA GLU B 183 16.29 -21.52 -9.44
C GLU B 183 15.66 -20.78 -8.24
N ASP B 184 14.33 -20.77 -8.24
CA ASP B 184 13.56 -20.12 -7.20
C ASP B 184 13.92 -20.62 -5.82
N ALA B 185 14.03 -21.94 -5.70
CA ALA B 185 14.38 -22.53 -4.43
C ALA B 185 15.82 -22.17 -4.03
N ASP B 186 16.72 -22.17 -5.01
CA ASP B 186 18.13 -21.91 -4.79
C ASP B 186 18.56 -20.53 -4.39
N LYS B 187 17.90 -19.51 -4.88
CA LYS B 187 18.30 -18.16 -4.55
C LYS B 187 17.37 -17.48 -3.55
N PHE B 188 16.38 -18.20 -3.02
CA PHE B 188 15.53 -17.52 -2.07
C PHE B 188 16.47 -16.94 -1.03
N ASP B 189 16.24 -15.67 -0.68
CA ASP B 189 17.08 -14.95 0.31
C ASP B 189 16.23 -14.46 1.53
N GLY B 190 16.15 -15.23 2.59
CA GLY B 190 15.40 -14.77 3.76
C GLY B 190 15.91 -13.53 4.52
N SER B 191 16.99 -12.93 4.09
CA SER B 191 17.47 -11.77 4.84
C SER B 191 16.47 -10.62 4.87
N ARG B 192 16.57 -9.86 5.94
CA ARG B 192 15.71 -8.70 6.01
C ARG B 192 14.22 -9.01 5.87
N GLN B 193 13.79 -10.19 6.28
CA GLN B 193 12.38 -10.56 6.22
C GLN B 193 11.71 -9.92 5.01
N PRO B 194 11.83 -10.57 3.88
CA PRO B 194 11.18 -9.93 2.75
C PRO B 194 9.68 -10.11 2.63
N VAL B 195 9.12 -9.19 1.85
CA VAL B 195 7.73 -9.27 1.48
C VAL B 195 7.80 -9.94 0.09
N LEU B 196 6.97 -10.96 -0.10
CA LEU B 196 6.91 -11.63 -1.38
C LEU B 196 5.52 -11.50 -2.02
N ALA B 197 5.54 -11.10 -3.29
CA ALA B 197 4.34 -10.92 -4.11
C ALA B 197 4.45 -12.02 -5.15
N ILE B 198 3.64 -13.04 -4.95
CA ILE B 198 3.63 -14.19 -5.83
C ILE B 198 2.43 -14.16 -6.76
N LYS B 199 2.71 -14.12 -8.06
CA LYS B 199 1.64 -14.12 -9.03
C LYS B 199 1.50 -15.49 -9.67
N GLY B 200 0.30 -16.03 -9.67
CA GLY B 200 0.06 -17.30 -10.34
C GLY B 200 0.51 -18.61 -9.75
N ALA B 201 0.63 -18.66 -8.43
CA ALA B 201 0.98 -19.91 -7.79
C ALA B 201 -0.24 -20.82 -7.93
N ARG B 202 -0.08 -22.08 -7.54
CA ARG B 202 -1.11 -23.06 -7.63
C ARG B 202 -1.57 -23.55 -6.29
N VAL B 203 -2.86 -23.44 -6.02
CA VAL B 203 -3.36 -23.90 -4.74
C VAL B 203 -3.14 -25.36 -4.90
N SER B 204 -2.67 -26.01 -3.87
CA SER B 204 -2.40 -27.44 -3.94
C SER B 204 -2.75 -28.09 -2.63
N ASP B 205 -3.26 -29.31 -2.73
CA ASP B 205 -3.63 -29.99 -1.53
C ASP B 205 -2.81 -31.21 -1.23
N PHE B 206 -2.04 -31.68 -2.20
CA PHE B 206 -1.25 -32.89 -2.02
C PHE B 206 -0.81 -33.19 -0.61
N GLY B 207 0.25 -32.54 -0.15
CA GLY B 207 0.72 -32.83 1.20
C GLY B 207 0.17 -31.90 2.29
N GLY B 208 -0.98 -31.31 2.04
CA GLY B 208 -1.53 -30.40 3.00
C GLY B 208 -1.84 -29.20 2.13
N ARG B 209 -2.59 -28.27 2.68
CA ARG B 209 -2.93 -27.12 1.89
C ARG B 209 -1.68 -26.21 1.87
N SER B 210 -1.20 -25.95 0.66
CA SER B 210 0.00 -25.14 0.42
C SER B 210 -0.05 -24.45 -0.93
N LEU B 211 0.91 -23.55 -1.16
CA LEU B 211 1.02 -22.82 -2.46
C LEU B 211 2.20 -23.41 -3.24
N SER B 212 2.08 -23.57 -4.57
CA SER B 212 3.18 -24.07 -5.39
C SER B 212 3.67 -23.00 -6.35
N VAL B 213 4.90 -22.53 -6.19
CA VAL B 213 5.43 -21.50 -7.11
C VAL B 213 6.02 -22.20 -8.35
N LEU B 214 5.25 -22.18 -9.44
CA LEU B 214 5.63 -22.87 -10.67
C LEU B 214 6.54 -22.04 -11.51
N SER B 215 6.98 -22.59 -12.65
CA SER B 215 7.88 -21.81 -13.52
C SER B 215 7.04 -20.73 -14.11
N SER B 216 5.82 -21.12 -14.44
CA SER B 216 4.87 -20.19 -15.01
C SER B 216 4.67 -19.07 -13.98
N SER B 217 4.92 -19.33 -12.70
CA SER B 217 4.77 -18.31 -11.68
C SER B 217 5.90 -17.27 -11.71
N THR B 218 5.66 -16.16 -11.02
CA THR B 218 6.68 -15.15 -10.95
C THR B 218 6.57 -14.51 -9.58
N ILE B 219 7.74 -14.24 -8.98
CA ILE B 219 7.83 -13.71 -7.65
C ILE B 219 8.46 -12.35 -7.59
N ILE B 220 7.80 -11.38 -7.00
CA ILE B 220 8.46 -10.09 -6.89
C ILE B 220 8.81 -9.97 -5.41
N ALA B 221 10.04 -9.64 -5.08
CA ALA B 221 10.35 -9.54 -3.66
C ALA B 221 10.35 -8.07 -3.27
N ASN B 222 9.74 -7.75 -2.12
CA ASN B 222 9.65 -6.38 -1.66
C ASN B 222 9.20 -5.45 -2.77
N PRO B 223 8.03 -5.73 -3.36
CA PRO B 223 7.52 -4.89 -4.44
C PRO B 223 7.52 -3.46 -3.91
N ASP B 224 7.38 -2.52 -4.82
CA ASP B 224 7.34 -1.11 -4.47
C ASP B 224 5.86 -0.67 -4.55
N ILE B 225 5.01 -1.35 -3.79
CA ILE B 225 3.57 -1.09 -3.75
C ILE B 225 2.99 -0.94 -2.35
N PRO B 226 1.81 -0.31 -2.23
CA PRO B 226 1.16 -0.09 -0.93
C PRO B 226 0.92 -1.28 0.00
N GLU B 227 0.46 -2.41 -0.51
CA GLU B 227 0.24 -3.55 0.38
C GLU B 227 1.57 -4.07 0.98
N ALA B 228 2.69 -3.93 0.25
CA ALA B 228 4.00 -4.37 0.77
C ALA B 228 4.44 -3.52 1.98
N TYR B 229 4.46 -2.20 1.82
CA TYR B 229 4.86 -1.35 2.94
C TYR B 229 3.87 -1.58 4.10
N LYS B 230 2.61 -1.77 3.75
CA LYS B 230 1.64 -1.95 4.79
C LYS B 230 2.04 -3.17 5.58
N LEU B 231 2.38 -4.24 4.88
CA LEU B 231 2.73 -5.48 5.56
C LEU B 231 3.94 -5.38 6.43
N ARG B 232 5.01 -4.77 5.93
CA ARG B 232 6.17 -4.73 6.76
C ARG B 232 5.85 -3.96 8.03
N GLY B 233 5.19 -2.82 7.87
CA GLY B 233 4.87 -2.00 9.02
C GLY B 233 3.93 -2.69 9.99
N TRP B 234 3.02 -3.49 9.49
CA TRP B 234 2.12 -4.11 10.45
C TRP B 234 2.90 -5.16 11.21
N PHE B 235 3.86 -5.81 10.53
CA PHE B 235 4.64 -6.82 11.22
C PHE B 235 5.39 -6.14 12.37
N ASP B 236 6.02 -4.99 12.13
CA ASP B 236 6.68 -4.29 13.23
C ASP B 236 5.79 -4.14 14.46
N ALA B 237 4.66 -3.46 14.28
CA ALA B 237 3.75 -3.17 15.39
C ALA B 237 2.96 -4.35 15.91
N GLU B 238 2.83 -5.41 15.12
CA GLU B 238 2.08 -6.58 15.54
C GLU B 238 2.50 -7.81 14.77
N GLY B 239 3.83 -8.01 14.72
CA GLY B 239 4.43 -9.15 14.03
C GLY B 239 5.48 -9.72 14.96
N GLN B 240 5.01 -10.05 16.16
CA GLN B 240 5.83 -10.63 17.18
C GLN B 240 4.93 -11.76 17.63
N ALA B 241 3.72 -11.42 18.08
CA ALA B 241 2.72 -12.42 18.48
C ALA B 241 2.43 -13.14 17.16
N LEU B 242 2.44 -14.48 17.15
CA LEU B 242 2.31 -15.21 15.89
C LEU B 242 1.59 -16.56 15.72
N ASP B 243 1.67 -17.01 14.47
CA ASP B 243 1.14 -18.26 13.90
C ASP B 243 -0.34 -18.35 13.48
N GLY B 244 -0.86 -19.58 13.36
CA GLY B 244 -2.21 -19.77 12.89
C GLY B 244 -1.89 -20.28 11.50
N VAL B 245 -1.15 -21.37 11.48
CA VAL B 245 -0.65 -22.00 10.26
C VAL B 245 -1.68 -22.26 9.18
N SER B 246 -1.59 -23.42 8.55
CA SER B 246 -2.47 -23.84 7.45
C SER B 246 -3.62 -22.86 7.15
#